data_2CWA
#
_entry.id   2CWA
#
_cell.length_a   91.560
_cell.length_b   91.560
_cell.length_c   132.580
_cell.angle_alpha   90.00
_cell.angle_beta   90.00
_cell.angle_gamma   120.00
#
_symmetry.space_group_name_H-M   'P 65 2 2'
#
loop_
_entity.id
_entity.type
_entity.pdbx_description
1 polymer 'Single-strand binding protein'
2 non-polymer 'NITRATE ION'
3 water water
#
_entity_poly.entity_id   1
_entity_poly.type   'polypeptide(L)'
_entity_poly.pdbx_seq_one_letter_code
;(MSE)ARGLNRVFLIGALATRPD(MSE)RYTPAGLAILDLTLAGQDLLLSDNGGEREVSWYHRVRLLGRQAE(MSE)WGD
LLDQGQLVFVEGRLEYRQWEREGERRSELQIRADFLDPLDDRGKERAEDSRGQPRLRAALNQVFL(MSE)GNLTRDPELR
YTPQGTAVARLGLAVNERRQGAEERTHFVEVQAWRDLAEWAAELRKGDGLFVIGRLVNDSWTSSSGERRFQTRVEALRLE
RPTRGPAQAGGSRSREVQTGGVDIDEGLEDFPPEEELPF
;
_entity_poly.pdbx_strand_id   A
#
# COMPACT_ATOMS: atom_id res chain seq x y z
N ARG A 3 -3.03 13.10 15.50
CA ARG A 3 -2.71 11.77 16.12
C ARG A 3 -2.32 10.76 15.04
N GLY A 4 -1.24 10.02 15.29
CA GLY A 4 -0.76 9.06 14.31
C GLY A 4 -1.52 7.75 14.22
N LEU A 5 -1.85 7.36 12.99
CA LEU A 5 -2.54 6.11 12.73
C LEU A 5 -1.88 5.57 11.44
N ASN A 6 -1.54 4.29 11.43
CA ASN A 6 -0.85 3.70 10.28
C ASN A 6 -1.08 2.19 10.30
N ARG A 7 -2.20 1.74 9.72
CA ARG A 7 -2.52 0.32 9.71
C ARG A 7 -2.85 -0.18 8.31
N VAL A 8 -2.20 -1.26 7.91
CA VAL A 8 -2.37 -1.86 6.58
C VAL A 8 -2.99 -3.24 6.67
N PHE A 9 -4.02 -3.48 5.85
CA PHE A 9 -4.68 -4.77 5.81
C PHE A 9 -4.73 -5.27 4.37
N LEU A 10 -4.06 -6.38 4.11
CA LEU A 10 -4.00 -6.94 2.78
C LEU A 10 -4.30 -8.42 2.73
N ILE A 11 -5.04 -8.81 1.71
CA ILE A 11 -5.35 -10.21 1.47
C ILE A 11 -5.16 -10.40 -0.04
N GLY A 12 -4.25 -11.30 -0.39
CA GLY A 12 -3.98 -11.57 -1.80
C GLY A 12 -3.26 -12.89 -1.95
N ALA A 13 -2.88 -13.22 -3.17
CA ALA A 13 -2.17 -14.46 -3.44
C ALA A 13 -0.69 -14.15 -3.60
N LEU A 14 0.17 -15.09 -3.22
CA LEU A 14 1.60 -14.87 -3.36
C LEU A 14 1.92 -15.00 -4.86
N ALA A 15 2.36 -13.90 -5.46
CA ALA A 15 2.68 -13.88 -6.89
C ALA A 15 3.80 -14.85 -7.25
N THR A 16 4.74 -15.02 -6.33
CA THR A 16 5.88 -15.91 -6.52
C THR A 16 6.27 -16.50 -5.17
N ARG A 17 7.10 -17.53 -5.20
CA ARG A 17 7.56 -18.14 -3.97
C ARG A 17 8.38 -17.06 -3.25
N PRO A 18 8.14 -16.85 -1.96
CA PRO A 18 8.83 -15.83 -1.16
C PRO A 18 10.34 -16.01 -1.04
N ASP A 19 11.05 -14.88 -0.88
CA ASP A 19 12.50 -14.88 -0.76
C ASP A 19 12.94 -14.64 0.69
N ARG A 21 15.88 -14.55 3.73
CA ARG A 21 17.30 -14.32 3.97
C ARG A 21 17.52 -13.87 5.41
N TYR A 22 18.78 -13.87 5.81
CA TYR A 22 19.18 -13.50 7.17
C TYR A 22 20.31 -12.50 7.15
N THR A 23 20.27 -11.51 8.04
CA THR A 23 21.34 -10.54 8.13
C THR A 23 22.48 -11.28 8.83
N PRO A 24 23.69 -10.70 8.85
CA PRO A 24 24.77 -11.42 9.53
C PRO A 24 24.46 -11.62 11.01
N ALA A 25 23.72 -10.68 11.59
CA ALA A 25 23.35 -10.76 13.00
C ALA A 25 22.18 -11.72 13.28
N GLY A 26 21.73 -12.44 12.25
CA GLY A 26 20.66 -13.41 12.44
C GLY A 26 19.22 -12.94 12.39
N LEU A 27 18.98 -11.75 11.81
CA LEU A 27 17.61 -11.25 11.69
C LEU A 27 17.01 -11.81 10.41
N ALA A 28 15.92 -12.56 10.56
CA ALA A 28 15.22 -13.15 9.42
C ALA A 28 14.47 -12.08 8.66
N ILE A 29 14.60 -12.11 7.34
CA ILE A 29 13.91 -11.16 6.48
C ILE A 29 13.18 -11.95 5.41
N LEU A 30 11.85 -11.84 5.39
CA LEU A 30 11.06 -12.55 4.40
C LEU A 30 10.31 -11.56 3.53
N ASP A 31 10.73 -11.44 2.29
CA ASP A 31 10.06 -10.52 1.37
C ASP A 31 9.07 -11.33 0.54
N LEU A 32 7.83 -10.83 0.50
CA LEU A 32 6.78 -11.50 -0.24
C LEU A 32 6.12 -10.51 -1.19
N THR A 33 5.50 -11.03 -2.25
CA THR A 33 4.82 -10.17 -3.20
C THR A 33 3.37 -10.65 -3.19
N LEU A 34 2.47 -9.78 -2.74
CA LEU A 34 1.05 -10.11 -2.70
C LEU A 34 0.39 -9.50 -3.91
N ALA A 35 -0.47 -10.27 -4.55
CA ALA A 35 -1.16 -9.80 -5.74
C ALA A 35 -2.66 -10.00 -5.60
N GLY A 36 -3.41 -8.98 -6.01
CA GLY A 36 -4.85 -9.06 -5.94
C GLY A 36 -5.49 -8.10 -6.92
N GLN A 37 -6.80 -8.23 -7.09
CA GLN A 37 -7.51 -7.34 -7.99
C GLN A 37 -8.93 -7.20 -7.50
N ASP A 38 -9.61 -6.16 -7.96
CA ASP A 38 -10.98 -5.95 -7.56
C ASP A 38 -11.67 -5.08 -8.59
N LEU A 39 -12.98 -4.95 -8.46
CA LEU A 39 -13.75 -4.11 -9.37
C LEU A 39 -14.41 -3.06 -8.48
N LEU A 40 -14.03 -1.80 -8.67
CA LEU A 40 -14.58 -0.71 -7.88
C LEU A 40 -15.81 -0.12 -8.57
N ARG A 48 -14.74 0.04 -12.59
CA ARG A 48 -13.31 0.31 -12.62
C ARG A 48 -12.54 -0.89 -12.07
N GLU A 49 -11.85 -1.61 -12.94
CA GLU A 49 -11.08 -2.76 -12.52
C GLU A 49 -9.67 -2.37 -12.12
N VAL A 50 -9.28 -2.72 -10.90
CA VAL A 50 -7.96 -2.39 -10.38
C VAL A 50 -7.22 -3.66 -10.01
N SER A 51 -5.90 -3.63 -10.16
CA SER A 51 -5.07 -4.77 -9.82
C SER A 51 -3.81 -4.22 -9.14
N TRP A 52 -3.16 -5.07 -8.34
CA TRP A 52 -1.96 -4.64 -7.65
C TRP A 52 -1.02 -5.76 -7.26
N TYR A 53 0.26 -5.42 -7.16
CA TYR A 53 1.33 -6.32 -6.76
C TYR A 53 2.06 -5.53 -5.69
N HIS A 54 1.98 -5.98 -4.45
CA HIS A 54 2.62 -5.25 -3.37
C HIS A 54 3.70 -6.07 -2.69
N ARG A 55 4.89 -5.49 -2.57
CA ARG A 55 5.98 -6.17 -1.90
C ARG A 55 5.83 -5.90 -0.41
N VAL A 56 5.84 -6.96 0.39
CA VAL A 56 5.71 -6.83 1.82
C VAL A 56 6.89 -7.49 2.50
N ARG A 57 7.34 -6.92 3.61
CA ARG A 57 8.48 -7.49 4.33
C ARG A 57 8.17 -7.91 5.75
N LEU A 58 8.38 -9.19 6.02
CA LEU A 58 8.18 -9.76 7.35
C LEU A 58 9.58 -9.86 7.98
N LEU A 59 9.68 -9.68 9.30
CA LEU A 59 10.96 -9.77 9.98
C LEU A 59 10.91 -10.70 11.19
N GLY A 60 12.10 -11.01 11.72
CA GLY A 60 12.21 -11.83 12.91
C GLY A 60 11.41 -13.10 13.03
N ARG A 61 10.83 -13.32 14.21
CA ARG A 61 10.06 -14.52 14.47
C ARG A 61 8.86 -14.72 13.56
N GLN A 62 8.20 -13.64 13.16
CA GLN A 62 7.04 -13.77 12.28
C GLN A 62 7.47 -14.19 10.88
N ALA A 63 8.73 -13.91 10.56
CA ALA A 63 9.28 -14.28 9.25
C ALA A 63 9.73 -15.74 9.28
N GLU A 64 10.48 -16.11 10.31
CA GLU A 64 10.98 -17.47 10.46
C GLU A 64 9.85 -18.47 10.55
N TRP A 66 7.14 -18.60 8.88
CA TRP A 66 6.66 -18.99 7.56
C TRP A 66 7.73 -19.38 6.55
N GLY A 67 8.96 -19.56 7.04
CA GLY A 67 10.04 -19.93 6.17
C GLY A 67 9.85 -21.35 5.64
N ASP A 68 9.93 -21.49 4.32
CA ASP A 68 9.78 -22.79 3.67
C ASP A 68 8.38 -23.40 3.82
N LEU A 69 7.38 -22.55 4.05
CA LEU A 69 6.01 -23.03 4.19
C LEU A 69 5.04 -22.40 3.18
N LEU A 70 5.44 -21.27 2.60
CA LEU A 70 4.58 -20.58 1.65
C LEU A 70 5.05 -20.72 0.20
N ASP A 71 4.11 -21.01 -0.69
CA ASP A 71 4.42 -21.17 -2.11
C ASP A 71 3.60 -20.21 -2.96
N GLN A 72 3.98 -20.07 -4.22
CA GLN A 72 3.26 -19.21 -5.16
C GLN A 72 1.79 -19.64 -5.16
N GLY A 73 0.88 -18.67 -5.24
CA GLY A 73 -0.53 -19.00 -5.26
C GLY A 73 -1.23 -18.98 -3.91
N GLN A 74 -0.49 -19.24 -2.85
CA GLN A 74 -1.04 -19.24 -1.50
C GLN A 74 -1.75 -17.93 -1.17
N LEU A 75 -2.95 -18.01 -0.60
CA LEU A 75 -3.66 -16.80 -0.22
C LEU A 75 -3.23 -16.48 1.20
N VAL A 76 -2.92 -15.21 1.46
CA VAL A 76 -2.49 -14.82 2.79
C VAL A 76 -3.11 -13.50 3.23
N PHE A 77 -3.21 -13.32 4.55
CA PHE A 77 -3.72 -12.10 5.14
C PHE A 77 -2.56 -11.46 5.87
N VAL A 78 -2.25 -10.22 5.51
CA VAL A 78 -1.16 -9.50 6.14
C VAL A 78 -1.65 -8.27 6.88
N GLU A 79 -1.17 -8.11 8.11
CA GLU A 79 -1.50 -6.95 8.91
C GLU A 79 -0.17 -6.23 9.11
N GLY A 80 -0.10 -4.98 8.69
CA GLY A 80 1.15 -4.27 8.83
C GLY A 80 1.02 -2.77 8.91
N ARG A 81 2.02 -2.10 8.39
CA ARG A 81 2.07 -0.65 8.43
C ARG A 81 3.06 -0.15 7.39
N LEU A 82 2.96 1.13 7.08
CA LEU A 82 3.86 1.75 6.11
C LEU A 82 5.09 2.29 6.85
N GLU A 83 6.24 2.17 6.21
CA GLU A 83 7.48 2.63 6.82
C GLU A 83 8.27 3.44 5.80
N TYR A 84 8.50 4.71 6.14
CA TYR A 84 9.20 5.64 5.27
C TYR A 84 10.70 5.75 5.55
N ARG A 85 11.47 5.95 4.49
CA ARG A 85 12.92 6.10 4.57
C ARG A 85 13.42 6.96 3.40
N GLN A 86 14.34 7.88 3.70
CA GLN A 86 14.91 8.75 2.67
C GLN A 86 16.29 8.26 2.27
N SER A 95 13.52 8.78 -1.82
CA SER A 95 12.85 8.20 -0.65
C SER A 95 12.19 6.88 -1.02
N GLU A 96 11.65 6.19 -0.01
CA GLU A 96 11.00 4.91 -0.23
C GLU A 96 9.96 4.64 0.86
N LEU A 97 8.78 4.17 0.46
CA LEU A 97 7.73 3.85 1.40
C LEU A 97 7.48 2.35 1.25
N GLN A 98 7.94 1.58 2.22
CA GLN A 98 7.78 0.13 2.16
C GLN A 98 6.64 -0.36 3.02
N ILE A 99 6.15 -1.55 2.70
CA ILE A 99 5.07 -2.16 3.43
C ILE A 99 5.64 -3.21 4.36
N ARG A 100 5.59 -2.92 5.65
CA ARG A 100 6.11 -3.82 6.67
C ARG A 100 4.98 -4.69 7.20
N ALA A 101 5.12 -6.01 7.07
CA ALA A 101 4.12 -6.93 7.59
C ALA A 101 4.46 -7.28 9.02
N ASP A 102 3.56 -7.02 9.95
CA ASP A 102 3.82 -7.38 11.34
C ASP A 102 3.42 -8.84 11.55
N PHE A 103 2.36 -9.24 10.84
CA PHE A 103 1.83 -10.59 10.94
C PHE A 103 1.36 -11.10 9.58
N LEU A 104 1.46 -12.40 9.38
CA LEU A 104 0.98 -13.03 8.15
C LEU A 104 0.25 -14.28 8.59
N ASP A 105 -0.89 -14.54 7.94
CA ASP A 105 -1.69 -15.71 8.23
C ASP A 105 -2.14 -16.33 6.92
N PRO A 106 -1.82 -17.62 6.69
CA PRO A 106 -2.24 -18.28 5.46
C PRO A 106 -3.75 -18.47 5.52
N LEU A 107 -4.40 -18.47 4.36
CA LEU A 107 -5.85 -18.61 4.32
C LEU A 107 -6.29 -19.73 3.37
N ASP A 108 -7.41 -20.36 3.72
CA ASP A 108 -8.02 -21.43 2.92
C ASP A 108 -8.48 -20.77 1.62
N ASP A 109 -8.34 -21.44 0.48
CA ASP A 109 -8.79 -20.81 -0.76
C ASP A 109 -10.13 -21.34 -1.23
N ARG A 110 -10.81 -22.10 -0.39
CA ARG A 110 -12.13 -22.65 -0.74
C ARG A 110 -13.06 -21.51 -1.12
N GLY A 111 -13.65 -21.62 -2.30
CA GLY A 111 -14.58 -20.59 -2.77
C GLY A 111 -13.93 -19.35 -3.32
N LYS A 112 -12.60 -19.31 -3.36
CA LYS A 112 -11.88 -18.15 -3.87
C LYS A 112 -11.36 -18.38 -5.28
N GLU A 113 -11.24 -17.31 -6.06
CA GLU A 113 -10.76 -17.41 -7.43
C GLU A 113 -9.53 -16.55 -7.71
N ARG A 114 -8.62 -17.10 -8.49
CA ARG A 114 -7.40 -16.38 -8.85
C ARG A 114 -7.39 -16.08 -10.34
N ALA A 115 -6.80 -14.94 -10.69
CA ALA A 115 -6.65 -14.56 -12.09
C ALA A 115 -5.16 -14.80 -12.35
N GLU A 116 -4.76 -14.89 -13.61
CA GLU A 116 -3.36 -15.13 -13.94
C GLU A 116 -2.85 -14.05 -14.88
N ASP A 117 -1.75 -13.40 -14.51
CA ASP A 117 -1.19 -12.35 -15.35
C ASP A 117 -0.37 -12.93 -16.51
N SER A 118 0.09 -12.04 -17.39
CA SER A 118 0.89 -12.43 -18.55
C SER A 118 2.14 -13.23 -18.21
N ARG A 119 2.58 -13.14 -16.97
CA ARG A 119 3.79 -13.84 -16.54
C ARG A 119 3.47 -15.15 -15.83
N GLY A 120 2.20 -15.55 -15.85
CA GLY A 120 1.81 -16.79 -15.18
C GLY A 120 1.70 -16.66 -13.68
N GLN A 121 1.68 -15.43 -13.17
CA GLN A 121 1.57 -15.21 -11.72
C GLN A 121 0.12 -15.02 -11.31
N PRO A 122 -0.27 -15.65 -10.17
CA PRO A 122 -1.64 -15.54 -9.68
C PRO A 122 -1.96 -14.22 -8.97
N ARG A 123 -3.20 -13.77 -9.12
CA ARG A 123 -3.71 -12.57 -8.47
C ARG A 123 -5.07 -12.94 -7.90
N LEU A 124 -5.31 -12.61 -6.64
CA LEU A 124 -6.60 -12.93 -6.00
C LEU A 124 -7.69 -11.96 -6.45
N ARG A 125 -8.81 -12.50 -6.92
CA ARG A 125 -9.93 -11.68 -7.35
C ARG A 125 -10.69 -11.30 -6.07
N ALA A 126 -11.25 -10.09 -6.04
CA ALA A 126 -12.00 -9.61 -4.87
C ALA A 126 -11.09 -9.61 -3.64
N ALA A 127 -9.84 -9.17 -3.83
CA ALA A 127 -8.85 -9.12 -2.76
C ALA A 127 -9.12 -8.00 -1.75
N LEU A 128 -8.30 -7.94 -0.71
CA LEU A 128 -8.43 -6.90 0.30
C LEU A 128 -7.19 -6.02 0.22
N ASN A 129 -7.42 -4.71 0.14
CA ASN A 129 -6.36 -3.72 0.06
C ASN A 129 -6.90 -2.49 0.76
N GLN A 130 -6.67 -2.41 2.07
CA GLN A 130 -7.19 -1.29 2.84
C GLN A 130 -6.16 -0.73 3.82
N VAL A 131 -6.02 0.58 3.85
CA VAL A 131 -5.07 1.22 4.77
C VAL A 131 -5.75 2.36 5.52
N PHE A 132 -5.43 2.49 6.80
CA PHE A 132 -5.96 3.55 7.65
C PHE A 132 -4.78 4.45 8.00
N LEU A 133 -4.90 5.74 7.72
CA LEU A 133 -3.83 6.67 8.03
C LEU A 133 -4.37 7.97 8.61
N GLY A 135 -2.66 11.90 10.01
CA GLY A 135 -1.50 12.73 10.24
C GLY A 135 -1.87 14.16 9.85
N ASN A 136 -0.88 14.93 9.42
CA ASN A 136 -1.12 16.31 9.02
C ASN A 136 -0.54 16.56 7.63
N LEU A 137 -1.15 17.48 6.90
CA LEU A 137 -0.69 17.82 5.55
C LEU A 137 0.63 18.58 5.61
N THR A 138 1.56 18.17 4.76
CA THR A 138 2.88 18.79 4.70
C THR A 138 2.87 19.97 3.74
N ARG A 139 1.77 20.12 2.99
CA ARG A 139 1.64 21.20 2.02
C ARG A 139 0.16 21.35 1.61
N ASP A 140 -0.16 22.43 0.91
CA ASP A 140 -1.54 22.62 0.46
C ASP A 140 -1.86 21.58 -0.62
N PRO A 141 -3.13 21.20 -0.75
CA PRO A 141 -3.52 20.21 -1.76
C PRO A 141 -3.21 20.72 -3.16
N GLU A 142 -2.97 19.81 -4.08
CA GLU A 142 -2.68 20.17 -5.46
C GLU A 142 -3.80 19.50 -6.26
N LEU A 143 -4.57 20.32 -6.98
CA LEU A 143 -5.69 19.80 -7.76
C LEU A 143 -5.53 20.02 -9.27
N ARG A 144 -5.92 19.03 -10.05
CA ARG A 144 -5.87 19.14 -11.51
C ARG A 144 -7.13 18.47 -12.04
N TYR A 145 -7.44 18.72 -13.31
CA TYR A 145 -8.61 18.14 -13.94
C TYR A 145 -8.23 17.40 -15.21
N THR A 146 -8.81 16.21 -15.38
CA THR A 146 -8.55 15.41 -16.57
C THR A 146 -9.26 16.08 -17.75
N PRO A 147 -8.93 15.67 -18.98
CA PRO A 147 -9.57 16.27 -20.16
C PRO A 147 -11.08 16.19 -20.05
N GLN A 148 -11.57 15.10 -19.46
CA GLN A 148 -13.01 14.89 -19.28
C GLN A 148 -13.60 15.71 -18.13
N GLY A 149 -12.77 16.50 -17.46
CA GLY A 149 -13.25 17.34 -16.36
C GLY A 149 -13.27 16.69 -14.99
N THR A 150 -12.65 15.52 -14.84
CA THR A 150 -12.62 14.85 -13.55
C THR A 150 -11.59 15.48 -12.61
N ALA A 151 -11.99 15.77 -11.38
CA ALA A 151 -11.07 16.36 -10.41
C ALA A 151 -10.14 15.30 -9.82
N VAL A 152 -8.89 15.70 -9.58
CA VAL A 152 -7.91 14.78 -9.00
C VAL A 152 -7.06 15.60 -8.06
N ALA A 153 -7.02 15.18 -6.80
CA ALA A 153 -6.26 15.88 -5.78
C ALA A 153 -5.07 15.05 -5.33
N ARG A 154 -3.96 15.73 -5.07
CA ARG A 154 -2.77 15.06 -4.59
C ARG A 154 -2.37 15.78 -3.31
N LEU A 155 -2.21 14.99 -2.25
CA LEU A 155 -1.89 15.50 -0.93
C LEU A 155 -0.60 14.88 -0.38
N GLY A 156 0.10 15.62 0.48
CA GLY A 156 1.32 15.12 1.10
C GLY A 156 0.97 14.95 2.58
N LEU A 157 1.10 13.74 3.11
CA LEU A 157 0.76 13.46 4.50
C LEU A 157 1.93 13.03 5.39
N ALA A 158 2.01 13.61 6.58
CA ALA A 158 3.06 13.27 7.53
C ALA A 158 2.41 12.54 8.69
N VAL A 159 2.80 11.28 8.88
CA VAL A 159 2.25 10.46 9.96
C VAL A 159 3.30 10.21 11.03
N ASN A 160 3.02 10.65 12.26
CA ASN A 160 3.96 10.44 13.34
C ASN A 160 3.67 9.13 14.07
N GLU A 161 4.72 8.50 14.60
CA GLU A 161 4.55 7.26 15.34
C GLU A 161 5.48 7.26 16.55
N ARG A 162 4.94 6.87 17.69
CA ARG A 162 5.71 6.82 18.94
C ARG A 162 6.55 5.55 18.99
N GLU A 168 10.72 8.54 18.25
CA GLU A 168 9.58 9.02 17.46
C GLU A 168 10.03 9.42 16.06
N ARG A 169 9.37 8.86 15.05
CA ARG A 169 9.70 9.16 13.66
C ARG A 169 8.47 9.54 12.85
N THR A 170 8.70 10.14 11.68
CA THR A 170 7.63 10.57 10.80
C THR A 170 7.67 9.83 9.47
N HIS A 171 6.51 9.35 9.04
CA HIS A 171 6.38 8.63 7.79
C HIS A 171 5.62 9.54 6.82
N PHE A 172 6.23 9.83 5.68
CA PHE A 172 5.60 10.68 4.68
C PHE A 172 4.90 9.83 3.64
N VAL A 173 3.66 10.17 3.34
CA VAL A 173 2.85 9.41 2.39
C VAL A 173 2.14 10.33 1.38
N GLU A 174 2.19 9.94 0.11
CA GLU A 174 1.52 10.69 -0.94
C GLU A 174 0.10 10.13 -1.04
N VAL A 175 -0.89 11.01 -0.96
CA VAL A 175 -2.28 10.56 -1.03
C VAL A 175 -3.00 11.21 -2.20
N GLN A 176 -3.65 10.38 -3.01
CA GLN A 176 -4.37 10.85 -4.19
C GLN A 176 -5.87 10.60 -4.03
N ALA A 177 -6.67 11.57 -4.43
CA ALA A 177 -8.13 11.44 -4.33
C ALA A 177 -8.79 11.83 -5.65
N TRP A 178 -9.94 11.23 -5.93
CA TRP A 178 -10.67 11.49 -7.17
C TRP A 178 -12.07 12.08 -6.97
N ARG A 179 -12.55 12.75 -8.01
CA ARG A 179 -13.89 13.34 -8.06
C ARG A 179 -14.32 14.17 -6.85
N ASP A 180 -15.48 13.86 -6.28
CA ASP A 180 -15.98 14.63 -5.15
C ASP A 180 -14.99 14.66 -4.00
N LEU A 181 -14.37 13.52 -3.74
CA LEU A 181 -13.39 13.40 -2.66
C LEU A 181 -12.25 14.38 -2.93
N ALA A 182 -11.89 14.54 -4.20
CA ALA A 182 -10.80 15.44 -4.56
C ALA A 182 -11.25 16.88 -4.35
N GLU A 183 -12.49 17.18 -4.72
CA GLU A 183 -12.97 18.54 -4.56
C GLU A 183 -13.12 18.88 -3.07
N TRP A 184 -13.48 17.90 -2.27
CA TRP A 184 -13.61 18.13 -0.82
C TRP A 184 -12.22 18.45 -0.25
N ALA A 185 -11.21 17.72 -0.73
CA ALA A 185 -9.83 17.90 -0.27
C ALA A 185 -9.18 19.21 -0.67
N ALA A 186 -9.65 19.81 -1.76
CA ALA A 186 -9.09 21.05 -2.25
C ALA A 186 -9.18 22.20 -1.24
N GLU A 187 -10.15 22.12 -0.34
CA GLU A 187 -10.31 23.17 0.66
C GLU A 187 -9.33 23.01 1.82
N LEU A 188 -8.68 21.86 1.90
CA LEU A 188 -7.72 21.63 2.97
C LEU A 188 -6.51 22.53 2.76
N ARG A 189 -5.72 22.69 3.81
CA ARG A 189 -4.53 23.52 3.75
C ARG A 189 -3.38 22.89 4.55
N LYS A 190 -2.15 23.26 4.20
CA LYS A 190 -0.98 22.73 4.89
C LYS A 190 -1.15 22.84 6.40
N GLY A 191 -0.86 21.75 7.11
CA GLY A 191 -1.00 21.76 8.56
C GLY A 191 -2.28 21.09 9.05
N ASP A 192 -3.30 21.06 8.20
CA ASP A 192 -4.56 20.43 8.58
C ASP A 192 -4.38 18.96 8.90
N GLY A 193 -5.21 18.46 9.81
CA GLY A 193 -5.12 17.06 10.15
C GLY A 193 -5.86 16.33 9.04
N LEU A 194 -5.51 15.07 8.82
CA LEU A 194 -6.17 14.29 7.77
C LEU A 194 -6.25 12.83 8.15
N PHE A 195 -7.47 12.28 8.07
CA PHE A 195 -7.74 10.89 8.35
C PHE A 195 -8.06 10.27 6.99
N VAL A 196 -7.42 9.15 6.67
CA VAL A 196 -7.62 8.50 5.39
C VAL A 196 -7.85 7.01 5.46
N ILE A 197 -8.80 6.54 4.65
CA ILE A 197 -9.04 5.11 4.52
C ILE A 197 -8.82 4.99 3.02
N GLY A 198 -7.84 4.18 2.62
CA GLY A 198 -7.59 4.05 1.20
C GLY A 198 -7.08 2.70 0.78
N ARG A 199 -6.57 2.65 -0.44
CA ARG A 199 -6.02 1.43 -0.99
C ARG A 199 -4.59 1.74 -1.39
N LEU A 200 -3.69 0.79 -1.19
CA LEU A 200 -2.29 1.00 -1.56
C LEU A 200 -2.13 0.82 -3.06
N VAL A 201 -1.42 1.75 -3.70
CA VAL A 201 -1.18 1.65 -5.12
C VAL A 201 0.30 1.96 -5.36
N ASN A 202 0.80 1.60 -6.53
CA ASN A 202 2.19 1.89 -6.84
C ASN A 202 2.41 2.26 -8.29
N ASP A 203 3.48 3.02 -8.53
CA ASP A 203 3.82 3.43 -9.88
C ASP A 203 5.16 2.76 -10.19
N SER A 204 5.36 2.38 -11.44
CA SER A 204 6.61 1.73 -11.85
C SER A 204 6.95 2.15 -13.27
N TRP A 205 8.20 2.51 -13.49
CA TRP A 205 8.66 2.94 -14.80
C TRP A 205 10.18 2.83 -14.88
N THR A 206 10.72 3.18 -16.04
CA THR A 206 12.17 3.15 -16.25
C THR A 206 12.67 4.56 -16.49
N SER A 207 13.61 5.01 -15.66
CA SER A 207 14.18 6.34 -15.78
C SER A 207 14.84 6.55 -17.14
N SER A 208 15.26 7.77 -17.41
CA SER A 208 15.90 8.11 -18.68
C SER A 208 16.88 7.00 -19.07
N SER A 209 17.69 6.58 -18.10
CA SER A 209 18.66 5.51 -18.33
C SER A 209 17.92 4.18 -18.24
N GLY A 210 18.54 3.20 -17.59
CA GLY A 210 17.89 1.91 -17.43
C GLY A 210 17.28 1.81 -16.06
N GLU A 211 17.51 2.85 -15.26
CA GLU A 211 17.00 2.94 -13.89
C GLU A 211 15.54 2.51 -13.76
N ARG A 212 15.33 1.32 -13.21
CA ARG A 212 13.97 0.82 -12.99
C ARG A 212 13.46 1.49 -11.72
N ARG A 213 12.38 2.27 -11.86
CA ARG A 213 11.82 2.98 -10.72
C ARG A 213 10.50 2.38 -10.24
N PHE A 214 10.22 2.58 -8.96
CA PHE A 214 9.01 2.06 -8.33
C PHE A 214 8.71 2.89 -7.08
N GLN A 215 7.43 3.17 -6.84
CA GLN A 215 7.03 3.95 -5.66
C GLN A 215 5.65 3.54 -5.17
N THR A 216 5.43 3.67 -3.86
CA THR A 216 4.15 3.30 -3.28
C THR A 216 3.42 4.52 -2.75
N ARG A 217 2.12 4.55 -2.96
CA ARG A 217 1.29 5.67 -2.53
C ARG A 217 -0.06 5.11 -2.09
N VAL A 218 -0.98 6.01 -1.75
CA VAL A 218 -2.31 5.62 -1.31
C VAL A 218 -3.39 6.37 -2.08
N GLU A 219 -4.42 5.64 -2.49
CA GLU A 219 -5.55 6.23 -3.18
C GLU A 219 -6.66 6.22 -2.14
N ALA A 220 -7.14 7.40 -1.80
CA ALA A 220 -8.18 7.57 -0.79
C ALA A 220 -9.56 7.06 -1.21
N LEU A 221 -10.26 6.49 -0.23
CA LEU A 221 -11.62 5.98 -0.42
C LEU A 221 -12.52 6.84 0.47
N ARG A 222 -11.96 7.29 1.58
CA ARG A 222 -12.69 8.15 2.53
C ARG A 222 -11.69 9.12 3.14
N LEU A 223 -12.12 10.35 3.35
CA LEU A 223 -11.26 11.37 3.95
C LEU A 223 -12.05 12.12 5.02
N GLU A 224 -11.35 12.47 6.10
CA GLU A 224 -11.97 13.20 7.19
C GLU A 224 -10.92 14.17 7.71
N ARG A 225 -11.37 15.22 8.37
CA ARG A 225 -10.43 16.18 8.92
C ARG A 225 -10.51 16.17 10.44
N PRO A 226 -9.57 15.48 11.11
CA PRO A 226 -9.61 15.45 12.57
C PRO A 226 -9.26 16.84 13.10
N THR A 227 -9.95 17.27 14.14
CA THR A 227 -9.71 18.60 14.71
C THR A 227 -9.19 18.51 16.15
N ARG A 228 -8.35 17.51 16.39
CA ARG A 228 -7.76 17.27 17.70
C ARG A 228 -7.05 18.51 18.23
#